data_7LCW
#
_entry.id   7LCW
#
_entity_poly.entity_id   1
_entity_poly.type   'polypeptide(L)'
_entity_poly.pdbx_seq_one_letter_code
;GSKYSDTADESSYRW
;
_entity_poly.pdbx_strand_id   A
#
# COMPACT_ATOMS: atom_id res chain seq x y z
N GLY A 1 -2.11 3.59 2.32
CA GLY A 1 -3.00 4.19 1.37
C GLY A 1 -3.71 3.25 0.39
N SER A 2 -4.63 2.41 0.97
CA SER A 2 -5.13 1.21 0.28
C SER A 2 -5.51 1.38 -1.21
N LYS A 3 -4.98 0.39 -2.02
CA LYS A 3 -4.95 0.43 -3.49
C LYS A 3 -4.16 -0.82 -3.94
N TYR A 4 -3.46 -0.73 -5.12
CA TYR A 4 -2.65 -1.86 -5.59
C TYR A 4 -1.51 -2.16 -4.58
N SER A 5 -1.02 -3.45 -4.66
CA SER A 5 -0.07 -3.94 -3.67
C SER A 5 1.30 -3.29 -3.79
N ASP A 6 1.97 -3.17 -2.60
CA ASP A 6 3.33 -2.65 -2.50
C ASP A 6 3.77 -2.49 -1.05
N THR A 7 4.43 -1.31 -0.92
CA THR A 7 5.40 -1.13 0.15
C THR A 7 5.44 0.32 0.68
N ALA A 8 4.22 0.96 0.85
CA ALA A 8 4.20 2.35 1.28
C ALA A 8 3.08 2.74 2.26
N ASP A 9 1.98 1.91 2.34
CA ASP A 9 0.98 2.06 3.38
C ASP A 9 0.23 0.73 3.65
N GLU A 10 -0.33 0.66 4.91
CA GLU A 10 -0.95 -0.56 5.46
C GLU A 10 0.01 -1.78 5.46
N SER A 11 1.35 -1.46 5.33
CA SER A 11 2.40 -2.47 5.25
C SER A 11 2.19 -3.48 4.10
N SER A 12 1.43 -2.99 3.04
CA SER A 12 0.83 -3.90 2.06
C SER A 12 0.60 -3.25 0.68
N TYR A 13 0.24 -1.92 0.69
CA TYR A 13 -0.29 -1.21 -0.47
C TYR A 13 0.61 0.03 -0.73
N ARG A 14 0.21 0.83 -1.77
CA ARG A 14 0.78 2.16 -1.96
C ARG A 14 -0.27 3.27 -2.09
N TRP A 15 0.28 4.50 -1.77
CA TRP A 15 -0.45 5.75 -1.90
C TRP A 15 -0.87 5.89 -3.32
N GLY A 1 -3.15 3.31 2.56
CA GLY A 1 -4.57 3.24 2.26
C GLY A 1 -4.78 2.08 1.27
N SER A 2 -6.00 1.42 1.37
CA SER A 2 -6.27 0.31 0.45
C SER A 2 -6.21 0.78 -1.02
N LYS A 3 -5.41 0.01 -1.84
CA LYS A 3 -4.93 0.45 -3.17
C LYS A 3 -4.14 -0.73 -3.80
N TYR A 4 -3.40 -0.42 -4.92
CA TYR A 4 -2.57 -1.45 -5.56
C TYR A 4 -1.41 -1.81 -4.59
N SER A 5 -0.85 -3.05 -4.79
CA SER A 5 0.09 -3.65 -3.82
C SER A 5 1.47 -2.96 -3.81
N ASP A 6 2.13 -3.05 -2.60
CA ASP A 6 3.48 -2.57 -2.37
C ASP A 6 3.85 -2.66 -0.89
N THR A 7 4.25 -1.43 -0.44
CA THR A 7 5.04 -1.33 0.80
C THR A 7 4.97 0.03 1.51
N ALA A 8 3.72 0.59 1.71
CA ALA A 8 3.63 1.88 2.40
C ALA A 8 2.27 2.15 3.08
N ASP A 9 1.20 2.25 2.22
CA ASP A 9 -0.19 2.45 2.69
C ASP A 9 -0.56 1.05 3.26
N GLU A 10 -0.81 1.02 4.61
CA GLU A 10 -1.02 -0.21 5.40
C GLU A 10 0.23 -1.12 5.37
N SER A 11 1.41 -0.49 5.04
CA SER A 11 2.69 -1.20 4.92
C SER A 11 2.67 -2.27 3.80
N SER A 12 1.65 -2.14 2.88
CA SER A 12 1.21 -3.29 2.06
C SER A 12 0.79 -2.85 0.65
N TYR A 13 0.28 -1.58 0.55
CA TYR A 13 -0.24 -1.00 -0.68
C TYR A 13 0.61 0.26 -0.97
N ARG A 14 0.56 0.74 -2.26
CA ARG A 14 1.30 1.94 -2.65
C ARG A 14 0.43 3.21 -2.59
N TRP A 15 1.16 4.37 -2.42
CA TRP A 15 0.55 5.68 -2.61
C TRP A 15 0.27 5.82 -4.07
N GLY A 1 -1.75 4.26 1.78
CA GLY A 1 -2.95 3.86 2.49
C GLY A 1 -4.04 3.37 1.52
N SER A 2 -4.11 2.00 1.37
CA SER A 2 -5.28 1.31 0.79
C SER A 2 -5.50 1.69 -0.69
N LYS A 3 -4.62 1.09 -1.55
CA LYS A 3 -4.50 1.33 -3.01
C LYS A 3 -3.72 0.11 -3.56
N TYR A 4 -3.05 0.25 -4.76
CA TYR A 4 -2.42 -0.91 -5.39
C TYR A 4 -1.25 -1.47 -4.51
N SER A 5 -0.87 -2.76 -4.84
CA SER A 5 0.00 -3.53 -3.94
C SER A 5 1.45 -3.01 -3.86
N ASP A 6 2.09 -3.27 -2.67
CA ASP A 6 3.49 -2.99 -2.40
C ASP A 6 3.82 -3.09 -0.93
N THR A 7 4.56 -1.99 -0.55
CA THR A 7 5.37 -2.01 0.66
C THR A 7 5.43 -0.65 1.37
N ALA A 8 4.24 0.07 1.45
CA ALA A 8 4.27 1.43 2.02
C ALA A 8 2.98 1.80 2.80
N ASP A 9 1.80 1.53 2.16
CA ASP A 9 0.51 1.72 2.83
C ASP A 9 0.23 0.37 3.54
N GLU A 10 0.28 0.43 4.92
CA GLU A 10 -0.07 -0.69 5.79
C GLU A 10 0.61 -2.03 5.42
N SER A 11 1.92 -1.87 4.96
CA SER A 11 2.82 -3.01 4.80
C SER A 11 2.33 -4.05 3.76
N SER A 12 1.55 -3.51 2.76
CA SER A 12 0.86 -4.37 1.79
C SER A 12 0.58 -3.62 0.47
N TYR A 13 0.23 -2.28 0.61
CA TYR A 13 -0.23 -1.47 -0.50
C TYR A 13 0.76 -0.29 -0.69
N ARG A 14 0.40 0.64 -1.65
CA ARG A 14 1.07 1.92 -1.79
C ARG A 14 0.13 2.99 -2.33
N TRP A 15 0.41 4.27 -1.89
CA TRP A 15 -0.19 5.42 -2.57
C TRP A 15 0.53 5.57 -3.87
N GLY A 1 -2.54 4.25 1.50
CA GLY A 1 -3.57 3.73 2.38
C GLY A 1 -4.61 2.98 1.53
N SER A 2 -4.26 1.69 1.17
CA SER A 2 -5.23 0.74 0.63
C SER A 2 -5.71 1.16 -0.78
N LYS A 3 -4.75 1.07 -1.77
CA LYS A 3 -5.08 1.15 -3.20
C LYS A 3 -4.38 -0.01 -3.96
N TYR A 4 -3.18 0.28 -4.57
CA TYR A 4 -2.42 -0.80 -5.26
C TYR A 4 -1.50 -1.47 -4.24
N SER A 5 -1.03 -2.71 -4.55
CA SER A 5 -0.19 -3.49 -3.64
C SER A 5 1.29 -3.04 -3.69
N ASP A 6 1.97 -3.10 -2.49
CA ASP A 6 3.42 -2.97 -2.38
C ASP A 6 3.86 -2.83 -0.93
N THR A 7 4.49 -1.63 -0.76
CA THR A 7 5.26 -1.31 0.45
C THR A 7 5.25 0.19 0.81
N ALA A 8 4.03 0.83 0.98
CA ALA A 8 4.03 2.28 1.20
C ALA A 8 2.82 2.97 1.88
N ASP A 9 1.63 2.27 1.96
CA ASP A 9 0.45 2.90 2.57
C ASP A 9 0.32 2.54 4.06
N GLU A 10 0.39 1.20 4.35
CA GLU A 10 0.05 0.66 5.67
C GLU A 10 0.80 -0.68 5.85
N SER A 11 2.03 -0.68 5.20
CA SER A 11 2.77 -1.88 4.87
C SER A 11 2.31 -2.35 3.47
N SER A 12 1.17 -3.12 3.42
CA SER A 12 0.94 -4.01 2.27
C SER A 12 0.60 -3.33 0.93
N TYR A 13 -0.06 -2.13 1.01
CA TYR A 13 -0.50 -1.41 -0.17
C TYR A 13 0.38 -0.16 -0.40
N ARG A 14 -0.01 0.65 -1.45
CA ARG A 14 0.71 1.85 -1.82
C ARG A 14 -0.16 2.91 -2.52
N TRP A 15 0.37 4.18 -2.34
CA TRP A 15 -0.12 5.35 -3.07
C TRP A 15 0.23 5.16 -4.50
N GLY A 1 -2.76 2.31 1.45
CA GLY A 1 -3.48 1.12 1.87
C GLY A 1 -4.48 0.71 0.78
N SER A 2 -5.61 1.48 0.68
CA SER A 2 -6.71 1.17 -0.24
C SER A 2 -6.37 1.53 -1.72
N LYS A 3 -5.31 0.84 -2.24
CA LYS A 3 -4.68 1.10 -3.53
C LYS A 3 -3.95 -0.20 -3.98
N TYR A 4 -3.25 -0.11 -5.17
CA TYR A 4 -2.57 -1.31 -5.70
C TYR A 4 -1.31 -1.65 -4.85
N SER A 5 -0.80 -2.92 -5.06
CA SER A 5 0.18 -3.49 -4.13
C SER A 5 1.57 -2.82 -4.20
N ASP A 6 2.31 -2.94 -3.03
CA ASP A 6 3.68 -2.47 -2.85
C ASP A 6 4.10 -2.41 -1.38
N THR A 7 4.73 -1.22 -1.15
CA THR A 7 5.57 -1.02 0.04
C THR A 7 5.48 0.42 0.59
N ALA A 8 4.23 1.01 0.62
CA ALA A 8 4.09 2.42 0.97
C ALA A 8 2.63 2.81 1.30
N ASP A 9 1.99 1.94 2.16
CA ASP A 9 0.76 2.29 2.90
C ASP A 9 1.03 1.77 4.34
N GLU A 10 -0.06 1.69 5.17
CA GLU A 10 0.02 1.02 6.47
C GLU A 10 0.39 -0.48 6.34
N SER A 11 -0.01 -1.06 5.15
CA SER A 11 0.31 -2.43 4.79
C SER A 11 0.80 -2.41 3.31
N SER A 12 0.85 -3.64 2.68
CA SER A 12 1.64 -3.90 1.47
C SER A 12 1.03 -3.33 0.16
N TYR A 13 0.77 -1.98 0.20
CA TYR A 13 0.07 -1.25 -0.87
C TYR A 13 0.87 0.07 -1.10
N ARG A 14 0.22 1.13 -1.68
CA ARG A 14 0.91 2.41 -1.88
C ARG A 14 -0.04 3.62 -1.75
N TRP A 15 0.53 4.74 -1.18
CA TRP A 15 -0.30 5.88 -0.74
C TRP A 15 -1.22 6.38 -1.79
N GLY A 1 -2.18 2.45 2.40
CA GLY A 1 -3.40 3.22 2.43
C GLY A 1 -4.48 2.65 1.49
N SER A 2 -4.46 1.29 1.30
CA SER A 2 -5.58 0.62 0.65
C SER A 2 -5.75 1.06 -0.83
N LYS A 3 -4.58 0.99 -1.58
CA LYS A 3 -4.55 1.10 -3.04
C LYS A 3 -3.76 -0.14 -3.58
N TYR A 4 -3.07 0.02 -4.75
CA TYR A 4 -2.43 -1.15 -5.39
C TYR A 4 -1.26 -1.71 -4.53
N SER A 5 -0.87 -2.99 -4.87
CA SER A 5 0.07 -3.76 -4.03
C SER A 5 1.48 -3.14 -3.99
N ASP A 6 2.15 -3.31 -2.79
CA ASP A 6 3.56 -2.98 -2.59
C ASP A 6 3.95 -2.94 -1.12
N THR A 7 4.68 -1.82 -0.87
CA THR A 7 5.47 -1.65 0.35
C THR A 7 5.61 -0.17 0.80
N ALA A 8 4.45 0.57 0.83
CA ALA A 8 4.49 2.01 1.09
C ALA A 8 3.08 2.56 1.38
N ASP A 9 2.46 2.00 2.47
CA ASP A 9 1.10 2.36 2.92
C ASP A 9 0.96 1.84 4.37
N GLU A 10 -0.30 1.61 4.84
CA GLU A 10 -0.57 1.04 6.18
C GLU A 10 -0.17 -0.45 6.28
N SER A 11 -0.27 -1.14 5.09
CA SER A 11 0.07 -2.54 4.95
C SER A 11 0.68 -2.69 3.54
N SER A 12 0.63 -3.96 2.98
CA SER A 12 1.38 -4.34 1.78
C SER A 12 0.81 -3.75 0.46
N TYR A 13 0.58 -2.40 0.50
CA TYR A 13 0.06 -1.61 -0.62
C TYR A 13 1.06 -0.46 -0.85
N ARG A 14 0.79 0.39 -1.90
CA ARG A 14 1.48 1.66 -2.05
C ARG A 14 0.49 2.83 -2.06
N TRP A 15 0.98 4.00 -1.52
CA TRP A 15 0.23 5.23 -1.70
C TRP A 15 0.37 5.62 -3.14
N GLY A 1 -1.90 3.31 1.46
CA GLY A 1 -2.98 3.61 2.38
C GLY A 1 -4.28 3.21 1.68
N SER A 2 -4.38 1.86 1.43
CA SER A 2 -5.59 1.26 0.88
C SER A 2 -5.81 1.67 -0.60
N LYS A 3 -4.77 1.28 -1.44
CA LYS A 3 -4.85 1.31 -2.91
C LYS A 3 -4.06 0.06 -3.39
N TYR A 4 -3.45 0.10 -4.63
CA TYR A 4 -2.80 -1.10 -5.18
C TYR A 4 -1.58 -1.55 -4.34
N SER A 5 -1.09 -2.80 -4.62
CA SER A 5 -0.12 -3.49 -3.77
C SER A 5 1.32 -2.96 -3.92
N ASP A 6 2.06 -3.07 -2.76
CA ASP A 6 3.49 -2.81 -2.65
C ASP A 6 3.92 -2.62 -1.20
N THR A 7 4.63 -1.46 -1.08
CA THR A 7 5.47 -1.22 0.08
C THR A 7 5.44 0.25 0.57
N ALA A 8 4.19 0.83 0.72
CA ALA A 8 4.10 2.22 1.19
C ALA A 8 2.78 2.62 1.91
N ASP A 9 2.07 1.59 2.46
CA ASP A 9 0.96 1.74 3.41
C ASP A 9 0.41 0.32 3.73
N GLU A 10 -0.07 0.16 5.02
CA GLU A 10 -0.62 -1.11 5.53
C GLU A 10 0.38 -2.30 5.50
N SER A 11 1.70 -1.97 5.24
CA SER A 11 2.75 -2.98 5.09
C SER A 11 2.49 -3.92 3.89
N SER A 12 1.75 -3.37 2.86
CA SER A 12 1.18 -4.24 1.81
C SER A 12 0.78 -3.46 0.53
N TYR A 13 0.29 -2.19 0.72
CA TYR A 13 -0.25 -1.38 -0.37
C TYR A 13 0.76 -0.25 -0.71
N ARG A 14 0.38 0.61 -1.71
CA ARG A 14 1.03 1.88 -1.92
C ARG A 14 0.06 3.00 -2.35
N TRP A 15 0.48 4.28 -2.00
CA TRP A 15 0.14 5.41 -2.85
C TRP A 15 1.07 5.40 -4.01
N GLY A 1 -3.36 3.10 1.79
CA GLY A 1 -4.69 3.58 1.49
C GLY A 1 -5.40 2.73 0.42
N SER A 2 -5.01 1.41 0.31
CA SER A 2 -5.80 0.40 -0.40
C SER A 2 -5.69 0.51 -1.95
N LYS A 3 -4.47 0.97 -2.42
CA LYS A 3 -4.13 0.97 -3.83
C LYS A 3 -3.23 -0.28 -4.04
N TYR A 4 -3.38 -0.95 -5.24
CA TYR A 4 -3.66 -2.40 -5.18
C TYR A 4 -2.58 -3.29 -4.55
N SER A 5 -1.27 -2.90 -4.71
CA SER A 5 -0.22 -3.55 -3.92
C SER A 5 1.04 -2.67 -3.93
N ASP A 6 1.90 -2.87 -2.87
CA ASP A 6 3.25 -2.32 -2.80
C ASP A 6 3.82 -2.33 -1.39
N THR A 7 4.32 -1.08 -1.08
CA THR A 7 5.19 -0.87 0.07
C THR A 7 5.06 0.51 0.78
N ALA A 8 3.84 1.15 0.72
CA ALA A 8 3.57 2.30 1.59
C ALA A 8 2.11 2.78 1.41
N ASP A 9 1.18 2.15 2.20
CA ASP A 9 -0.21 2.66 2.44
C ASP A 9 -0.57 1.93 3.76
N GLU A 10 -1.37 0.81 3.71
CA GLU A 10 -1.55 -0.09 4.86
C GLU A 10 -0.39 -1.11 4.81
N SER A 11 0.87 -0.55 4.85
CA SER A 11 2.09 -1.32 4.71
C SER A 11 2.22 -1.81 3.26
N SER A 12 1.52 -2.95 2.92
CA SER A 12 1.76 -3.72 1.70
C SER A 12 0.95 -3.26 0.46
N TYR A 13 0.65 -1.91 0.44
CA TYR A 13 -0.21 -1.29 -0.56
C TYR A 13 0.49 0.00 -1.03
N ARG A 14 -0.02 0.66 -2.13
CA ARG A 14 0.66 1.81 -2.72
C ARG A 14 0.06 3.15 -2.22
N TRP A 15 1.01 4.11 -1.94
CA TRP A 15 0.59 5.43 -1.43
C TRP A 15 -0.38 6.08 -2.34
N GLY A 1 -3.29 3.77 2.76
CA GLY A 1 -4.45 2.89 2.66
C GLY A 1 -4.72 2.40 1.23
N SER A 2 -5.93 1.74 1.09
CA SER A 2 -6.19 0.82 -0.03
C SER A 2 -5.83 1.38 -1.43
N LYS A 3 -5.00 0.54 -2.16
CA LYS A 3 -4.44 0.77 -3.50
C LYS A 3 -3.77 -0.58 -3.90
N TYR A 4 -3.01 -0.59 -5.06
CA TYR A 4 -2.74 -1.91 -5.68
C TYR A 4 -1.90 -2.88 -4.83
N SER A 5 -0.63 -2.47 -4.48
CA SER A 5 0.33 -3.33 -3.77
C SER A 5 1.63 -2.52 -3.59
N ASP A 6 2.32 -2.73 -2.43
CA ASP A 6 3.68 -2.25 -2.13
C ASP A 6 3.94 -2.15 -0.63
N THR A 7 4.68 -1.03 -0.38
CA THR A 7 5.23 -0.73 0.95
C THR A 7 4.45 0.32 1.79
N ALA A 8 3.47 1.05 1.16
CA ALA A 8 2.72 2.06 1.89
C ALA A 8 1.44 1.44 2.47
N ASP A 9 0.88 2.10 3.54
CA ASP A 9 -0.44 1.76 4.08
C ASP A 9 -0.43 0.30 4.58
N GLU A 10 0.00 0.15 5.89
CA GLU A 10 -0.10 -1.16 6.55
C GLU A 10 0.86 -2.18 5.90
N SER A 11 1.95 -1.59 5.27
CA SER A 11 3.02 -2.33 4.62
C SER A 11 2.52 -3.26 3.50
N SER A 12 1.36 -2.86 2.87
CA SER A 12 0.68 -3.72 1.91
C SER A 12 0.49 -3.05 0.53
N TYR A 13 0.08 -1.73 0.55
CA TYR A 13 -0.44 -1.04 -0.62
C TYR A 13 0.62 -0.01 -1.14
N ARG A 14 0.24 0.82 -2.19
CA ARG A 14 1.13 1.87 -2.67
C ARG A 14 0.49 3.26 -2.53
N TRP A 15 1.38 4.31 -2.47
CA TRP A 15 0.94 5.68 -2.75
C TRP A 15 0.70 5.77 -4.22
N GLY A 1 -4.07 1.25 3.41
CA GLY A 1 -5.52 1.27 3.43
C GLY A 1 -6.05 0.31 2.35
N SER A 2 -6.23 0.89 1.12
CA SER A 2 -6.56 0.08 -0.06
C SER A 2 -6.15 0.89 -1.32
N LYS A 3 -5.52 0.15 -2.30
CA LYS A 3 -5.15 0.62 -3.64
C LYS A 3 -4.38 -0.57 -4.31
N TYR A 4 -3.44 -0.30 -5.28
CA TYR A 4 -2.60 -1.37 -5.83
C TYR A 4 -1.49 -1.71 -4.80
N SER A 5 -0.86 -2.93 -4.97
CA SER A 5 0.03 -3.43 -3.92
C SER A 5 1.40 -2.69 -3.88
N ASP A 6 2.02 -2.72 -2.64
CA ASP A 6 3.38 -2.27 -2.40
C ASP A 6 3.69 -2.19 -0.91
N THR A 7 4.35 -1.02 -0.65
CA THR A 7 5.10 -0.78 0.59
C THR A 7 4.63 0.46 1.39
N ALA A 8 3.27 0.62 1.48
CA ALA A 8 2.62 1.66 2.28
C ALA A 8 1.18 1.19 2.58
N ASP A 9 0.40 2.04 3.35
CA ASP A 9 -1.01 1.74 3.67
C ASP A 9 -0.99 0.40 4.44
N GLU A 10 -0.34 0.49 5.67
CA GLU A 10 -0.47 -0.58 6.66
C GLU A 10 0.28 -1.86 6.20
N SER A 11 1.34 -1.59 5.34
CA SER A 11 2.32 -2.57 4.94
C SER A 11 1.80 -3.56 3.89
N SER A 12 1.04 -3.02 2.85
CA SER A 12 0.60 -3.89 1.76
C SER A 12 0.30 -3.22 0.41
N TYR A 13 0.04 -1.87 0.42
CA TYR A 13 -0.43 -1.16 -0.76
C TYR A 13 0.50 0.03 -1.11
N ARG A 14 0.17 0.76 -2.22
CA ARG A 14 1.03 1.84 -2.71
C ARG A 14 0.76 3.17 -1.96
N TRP A 15 1.79 4.09 -2.08
CA TRP A 15 1.52 5.51 -2.01
C TRP A 15 1.18 5.87 -3.42
N GLY A 1 -1.53 3.46 1.95
CA GLY A 1 -2.92 3.48 2.42
C GLY A 1 -3.72 2.91 1.26
N SER A 2 -4.85 2.19 1.57
CA SER A 2 -5.36 1.19 0.62
C SER A 2 -5.44 1.64 -0.87
N LYS A 3 -4.98 0.67 -1.75
CA LYS A 3 -4.64 0.92 -3.15
C LYS A 3 -4.12 -0.41 -3.77
N TYR A 4 -3.29 -0.29 -4.87
CA TYR A 4 -2.54 -1.45 -5.36
C TYR A 4 -1.41 -1.78 -4.35
N SER A 5 -0.90 -3.05 -4.49
CA SER A 5 0.04 -3.63 -3.52
C SER A 5 1.47 -3.06 -3.70
N ASP A 6 2.22 -3.08 -2.55
CA ASP A 6 3.63 -2.75 -2.51
C ASP A 6 4.17 -2.78 -1.09
N THR A 7 4.91 -1.66 -0.87
CA THR A 7 5.90 -1.63 0.23
C THR A 7 6.09 -0.21 0.79
N ALA A 8 4.95 0.55 0.98
CA ALA A 8 5.08 1.95 1.40
C ALA A 8 3.78 2.52 1.99
N ASP A 9 2.90 1.61 2.53
CA ASP A 9 1.64 1.97 3.15
C ASP A 9 1.01 0.65 3.71
N GLU A 10 -0.07 0.81 4.55
CA GLU A 10 -0.32 -0.11 5.67
C GLU A 10 -0.20 -1.62 5.38
N SER A 11 -1.24 -2.23 4.73
CA SER A 11 -1.34 -3.69 4.64
C SER A 11 -0.59 -4.24 3.39
N SER A 12 0.69 -3.75 3.23
CA SER A 12 1.54 -4.07 2.08
C SER A 12 1.01 -3.40 0.80
N TYR A 13 0.67 -2.06 0.98
CA TYR A 13 0.21 -1.22 -0.12
C TYR A 13 1.29 -0.16 -0.46
N ARG A 14 0.98 0.66 -1.53
CA ARG A 14 1.58 1.98 -1.70
C ARG A 14 0.50 3.05 -1.38
N TRP A 15 0.92 4.36 -1.44
CA TRP A 15 -0.03 5.41 -1.74
C TRP A 15 0.05 5.58 -3.21
N GLY A 1 -1.81 3.76 2.03
CA GLY A 1 -2.14 3.65 0.63
C GLY A 1 -2.84 2.35 0.22
N SER A 2 -4.00 2.05 0.88
CA SER A 2 -4.78 0.84 0.57
C SER A 2 -5.56 1.02 -0.75
N LYS A 3 -4.79 0.99 -1.88
CA LYS A 3 -5.32 1.28 -3.20
C LYS A 3 -4.66 0.31 -4.20
N TYR A 4 -3.33 0.52 -4.49
CA TYR A 4 -2.56 -0.52 -5.18
C TYR A 4 -1.90 -1.41 -4.09
N SER A 5 -1.53 -2.68 -4.50
CA SER A 5 -0.73 -3.52 -3.58
C SER A 5 0.76 -3.17 -3.77
N ASP A 6 1.54 -3.39 -2.66
CA ASP A 6 2.99 -3.22 -2.66
C ASP A 6 3.57 -3.18 -1.25
N THR A 7 4.44 -2.14 -1.14
CA THR A 7 5.35 -2.02 0.01
C THR A 7 5.66 -0.56 0.39
N ALA A 8 4.57 0.30 0.41
CA ALA A 8 4.77 1.72 0.71
C ALA A 8 3.53 2.43 1.30
N ASP A 9 2.62 1.59 1.92
CA ASP A 9 1.48 2.11 2.67
C ASP A 9 0.79 0.92 3.40
N GLU A 10 0.43 1.17 4.70
CA GLU A 10 -0.50 0.34 5.49
C GLU A 10 -0.28 -1.19 5.37
N SER A 11 1.05 -1.56 5.39
CA SER A 11 1.56 -2.91 5.59
C SER A 11 1.69 -3.80 4.34
N SER A 12 0.98 -3.43 3.20
CA SER A 12 0.96 -4.34 2.04
C SER A 12 0.50 -3.62 0.74
N TYR A 13 0.63 -2.25 0.74
CA TYR A 13 -0.07 -1.44 -0.26
C TYR A 13 0.82 -0.25 -0.71
N ARG A 14 0.27 0.58 -1.66
CA ARG A 14 0.84 1.88 -2.01
C ARG A 14 -0.21 2.82 -2.66
N TRP A 15 0.17 4.14 -2.60
CA TRP A 15 -0.38 5.14 -3.50
C TRP A 15 0.46 5.06 -4.72
N GLY A 1 -1.98 1.15 2.19
CA GLY A 1 -3.43 1.31 2.39
C GLY A 1 -4.22 0.34 1.52
N SER A 2 -5.57 0.64 1.43
CA SER A 2 -6.41 -0.03 0.44
C SER A 2 -6.22 0.69 -0.90
N LYS A 3 -5.04 0.39 -1.53
CA LYS A 3 -4.65 0.88 -2.85
C LYS A 3 -4.07 -0.35 -3.62
N TYR A 4 -3.34 -0.10 -4.76
CA TYR A 4 -2.83 -1.21 -5.59
C TYR A 4 -1.54 -1.79 -4.99
N SER A 5 -1.22 -3.08 -5.36
CA SER A 5 -0.20 -3.79 -4.58
C SER A 5 1.23 -3.23 -4.75
N ASP A 6 2.01 -3.35 -3.61
CA ASP A 6 3.43 -3.06 -3.52
C ASP A 6 3.80 -2.71 -2.08
N THR A 7 4.59 -1.60 -2.07
CA THR A 7 5.19 -1.06 -0.84
C THR A 7 4.78 0.39 -0.55
N ALA A 8 4.86 0.80 0.78
CA ALA A 8 4.72 2.19 1.23
C ALA A 8 3.26 2.68 1.25
N ASP A 9 2.57 2.32 2.39
CA ASP A 9 1.16 2.64 2.64
C ASP A 9 0.85 2.18 4.08
N GLU A 10 -0.31 2.66 4.62
CA GLU A 10 -0.73 2.33 5.99
C GLU A 10 -1.13 0.84 6.16
N SER A 11 -1.30 0.14 4.99
CA SER A 11 -1.56 -1.29 4.95
C SER A 11 -0.83 -1.89 3.72
N SER A 12 0.46 -1.42 3.55
CA SER A 12 1.44 -2.00 2.61
C SER A 12 1.18 -1.71 1.12
N TYR A 13 -0.05 -2.11 0.63
CA TYR A 13 -0.43 -1.95 -0.78
C TYR A 13 -0.50 -0.43 -1.06
N ARG A 14 0.20 0.00 -2.16
CA ARG A 14 0.92 1.25 -2.11
C ARG A 14 0.14 2.55 -2.28
N TRP A 15 0.70 3.60 -1.57
CA TRP A 15 0.42 4.99 -1.93
C TRP A 15 1.38 5.36 -3.00
N GLY A 1 -1.23 4.58 0.97
CA GLY A 1 -2.59 4.17 1.27
C GLY A 1 -3.09 3.03 0.37
N SER A 2 -4.12 2.31 0.92
CA SER A 2 -4.53 0.97 0.47
C SER A 2 -5.29 0.97 -0.87
N LYS A 3 -4.53 1.23 -1.99
CA LYS A 3 -5.18 1.38 -3.30
C LYS A 3 -4.42 0.70 -4.47
N TYR A 4 -3.06 0.59 -4.37
CA TYR A 4 -2.29 -0.35 -5.19
C TYR A 4 -1.51 -1.24 -4.18
N SER A 5 -1.06 -2.45 -4.62
CA SER A 5 -0.29 -3.37 -3.75
C SER A 5 1.21 -2.96 -3.66
N ASP A 6 1.85 -3.30 -2.48
CA ASP A 6 3.27 -3.08 -2.23
C ASP A 6 3.62 -3.14 -0.75
N THR A 7 4.41 -2.07 -0.41
CA THR A 7 5.11 -1.98 0.88
C THR A 7 5.33 -0.53 1.41
N ALA A 8 4.29 0.36 1.22
CA ALA A 8 4.45 1.78 1.59
C ALA A 8 3.12 2.48 1.98
N ASP A 9 2.11 1.62 2.32
CA ASP A 9 0.78 2.04 2.79
C ASP A 9 0.29 0.80 3.56
N GLU A 10 0.04 1.01 4.90
CA GLU A 10 -0.56 -0.01 5.76
C GLU A 10 0.01 -1.43 5.56
N SER A 11 1.38 -1.45 5.40
CA SER A 11 2.20 -2.67 5.47
C SER A 11 1.94 -3.73 4.37
N SER A 12 1.25 -3.28 3.25
CA SER A 12 0.96 -4.23 2.17
C SER A 12 0.55 -3.55 0.83
N TYR A 13 0.63 -2.18 0.80
CA TYR A 13 0.05 -1.40 -0.30
C TYR A 13 1.01 -0.26 -0.69
N ARG A 14 0.64 0.51 -1.77
CA ARG A 14 1.24 1.81 -2.10
C ARG A 14 0.15 2.76 -2.62
N TRP A 15 0.47 4.10 -2.51
CA TRP A 15 -0.42 5.14 -3.04
C TRP A 15 -0.65 4.91 -4.48
N GLY A 1 -2.47 2.53 1.79
CA GLY A 1 -3.77 3.10 2.10
C GLY A 1 -4.90 2.42 1.32
N SER A 2 -4.76 1.07 1.08
CA SER A 2 -5.84 0.23 0.53
C SER A 2 -6.19 0.65 -0.92
N LYS A 3 -5.30 0.23 -1.89
CA LYS A 3 -5.62 0.35 -3.31
C LYS A 3 -4.83 -0.72 -4.13
N TYR A 4 -3.78 -0.30 -4.91
CA TYR A 4 -2.93 -1.27 -5.61
C TYR A 4 -1.88 -1.77 -4.61
N SER A 5 -1.50 -3.08 -4.75
CA SER A 5 -0.61 -3.72 -3.78
C SER A 5 0.85 -3.28 -4.00
N ASP A 6 1.64 -3.34 -2.87
CA ASP A 6 3.04 -2.98 -2.86
C ASP A 6 3.57 -2.84 -1.44
N THR A 7 4.31 -1.70 -1.35
CA THR A 7 5.26 -1.47 -0.25
C THR A 7 5.45 0.01 0.14
N ALA A 8 4.32 0.81 0.19
CA ALA A 8 4.40 2.18 0.71
C ALA A 8 2.99 2.75 0.93
N ASP A 9 2.39 2.34 2.10
CA ASP A 9 1.12 2.92 2.55
C ASP A 9 1.00 2.65 4.07
N GLU A 10 0.29 1.54 4.43
CA GLU A 10 0.20 1.04 5.80
C GLU A 10 1.28 -0.05 6.00
N SER A 11 1.31 -0.99 4.99
CA SER A 11 2.03 -2.25 5.15
C SER A 11 2.19 -3.01 3.82
N SER A 12 1.15 -2.91 2.91
CA SER A 12 1.11 -3.89 1.79
C SER A 12 0.49 -3.34 0.51
N TYR A 13 0.45 -1.96 0.43
CA TYR A 13 -0.19 -1.26 -0.68
C TYR A 13 0.68 -0.05 -1.08
N ARG A 14 0.34 0.58 -2.26
CA ARG A 14 0.82 1.92 -2.59
C ARG A 14 -0.16 2.95 -1.99
N TRP A 15 0.42 4.16 -1.66
CA TRP A 15 -0.40 5.27 -1.13
C TRP A 15 -1.36 5.73 -2.16
N GLY A 1 -0.49 2.64 1.48
CA GLY A 1 -1.78 3.21 1.26
C GLY A 1 -2.74 2.18 0.66
N SER A 2 -4.06 2.31 1.05
CA SER A 2 -4.99 1.23 0.65
C SER A 2 -5.47 1.42 -0.82
N LYS A 3 -4.58 0.99 -1.79
CA LYS A 3 -4.89 1.03 -3.21
C LYS A 3 -4.50 -0.31 -3.90
N TYR A 4 -3.17 -0.49 -4.22
CA TYR A 4 -2.68 -1.69 -4.92
C TYR A 4 -1.32 -2.09 -4.31
N SER A 5 -0.90 -3.39 -4.49
CA SER A 5 0.24 -3.89 -3.68
C SER A 5 1.58 -3.13 -3.93
N ASP A 6 2.47 -3.15 -2.86
CA ASP A 6 3.70 -2.38 -2.87
C ASP A 6 4.67 -2.66 -1.72
N THR A 7 5.18 -1.45 -1.30
CA THR A 7 6.20 -1.34 -0.24
C THR A 7 5.48 -1.11 1.11
N ALA A 8 6.02 -0.18 1.97
CA ALA A 8 5.40 0.07 3.28
C ALA A 8 4.28 1.12 3.15
N ASP A 9 3.25 0.94 4.04
CA ASP A 9 2.02 1.78 4.11
C ASP A 9 1.24 1.19 5.32
N GLU A 10 -0.10 1.42 5.42
CA GLU A 10 -0.91 0.86 6.50
C GLU A 10 -1.17 -0.66 6.34
N SER A 11 -1.16 -1.10 5.03
CA SER A 11 -1.43 -2.49 4.67
C SER A 11 -0.57 -2.88 3.45
N SER A 12 0.59 -2.12 3.32
CA SER A 12 1.67 -2.49 2.40
C SER A 12 1.26 -2.41 0.91
N TYR A 13 0.20 -1.56 0.68
CA TYR A 13 -0.29 -1.22 -0.65
C TYR A 13 0.19 0.22 -0.97
N ARG A 14 -0.05 0.70 -2.23
CA ARG A 14 0.55 1.95 -2.71
C ARG A 14 -0.17 3.22 -2.19
N TRP A 15 0.66 4.32 -2.11
CA TRP A 15 0.16 5.64 -2.49
C TRP A 15 0.67 5.83 -3.87
N GLY A 1 -1.64 4.04 2.08
CA GLY A 1 -2.48 4.75 1.16
C GLY A 1 -3.72 3.96 0.72
N SER A 2 -3.63 2.59 0.81
CA SER A 2 -4.78 1.68 0.61
C SER A 2 -5.38 1.75 -0.82
N LYS A 3 -4.51 1.60 -1.87
CA LYS A 3 -4.97 1.42 -3.25
C LYS A 3 -4.22 0.28 -3.96
N TYR A 4 -2.97 0.60 -4.46
CA TYR A 4 -2.19 -0.43 -5.16
C TYR A 4 -1.47 -1.32 -4.13
N SER A 5 -1.00 -2.52 -4.61
CA SER A 5 -0.26 -3.44 -3.75
C SER A 5 1.23 -3.04 -3.70
N ASP A 6 1.80 -3.09 -2.46
CA ASP A 6 3.23 -2.98 -2.21
C ASP A 6 3.54 -2.60 -0.77
N THR A 7 4.57 -1.72 -0.75
CA THR A 7 5.40 -1.53 0.44
C THR A 7 5.62 -0.03 0.72
N ALA A 8 4.48 0.76 0.69
CA ALA A 8 4.61 2.21 0.86
C ALA A 8 3.40 2.91 1.51
N ASP A 9 2.52 2.06 2.15
CA ASP A 9 1.65 2.58 3.20
C ASP A 9 1.64 1.55 4.37
N GLU A 10 1.19 0.29 4.00
CA GLU A 10 0.51 -0.59 4.96
C GLU A 10 1.13 -2.01 4.93
N SER A 11 2.37 -2.10 4.34
CA SER A 11 3.12 -3.37 4.38
C SER A 11 2.34 -4.51 3.68
N SER A 12 1.64 -4.09 2.58
CA SER A 12 0.91 -4.98 1.67
C SER A 12 0.30 -4.09 0.58
N TYR A 13 -0.28 -2.92 1.04
CA TYR A 13 -0.84 -1.91 0.15
C TYR A 13 0.00 -0.60 0.20
N ARG A 14 -0.32 0.28 -0.80
CA ARG A 14 0.27 1.61 -0.99
C ARG A 14 -0.77 2.56 -1.64
N TRP A 15 -0.33 3.87 -1.78
CA TRP A 15 -0.98 4.84 -2.64
C TRP A 15 -0.77 4.36 -4.03
N GLY A 1 -2.69 3.77 2.19
CA GLY A 1 -4.10 3.78 1.84
C GLY A 1 -4.35 2.58 0.92
N SER A 2 -5.49 1.86 1.13
CA SER A 2 -5.68 0.66 0.29
C SER A 2 -5.62 1.01 -1.22
N LYS A 3 -5.11 -0.01 -2.01
CA LYS A 3 -4.78 0.10 -3.44
C LYS A 3 -4.15 -1.25 -3.88
N TYR A 4 -3.52 -1.26 -5.11
CA TYR A 4 -3.35 -2.55 -5.79
C TYR A 4 -2.36 -3.50 -5.06
N SER A 5 -1.18 -2.92 -4.66
CA SER A 5 -0.14 -3.63 -3.90
C SER A 5 1.02 -2.63 -3.64
N ASP A 6 1.94 -3.05 -2.71
CA ASP A 6 3.25 -2.47 -2.41
C ASP A 6 3.59 -2.68 -0.95
N THR A 7 4.10 -1.51 -0.43
CA THR A 7 4.92 -1.56 0.78
C THR A 7 4.95 -0.28 1.66
N ALA A 8 3.84 0.55 1.65
CA ALA A 8 3.97 1.87 2.29
C ALA A 8 2.67 2.51 2.82
N ASP A 9 1.53 2.24 2.11
CA ASP A 9 0.16 2.65 2.51
C ASP A 9 -0.31 1.31 3.18
N GLU A 10 -0.51 1.41 4.54
CA GLU A 10 -0.82 0.25 5.40
C GLU A 10 0.30 -0.81 5.36
N SER A 11 1.53 -0.33 4.97
CA SER A 11 2.73 -1.17 4.89
C SER A 11 2.62 -2.35 3.88
N SER A 12 1.59 -2.25 2.95
CA SER A 12 1.25 -3.37 2.07
C SER A 12 0.63 -2.91 0.73
N TYR A 13 0.36 -1.57 0.62
CA TYR A 13 -0.28 -0.98 -0.55
C TYR A 13 0.55 0.29 -0.88
N ARG A 14 0.23 0.94 -2.07
CA ARG A 14 1.01 2.08 -2.55
C ARG A 14 0.21 3.40 -2.38
N TRP A 15 0.98 4.49 -2.05
CA TRP A 15 0.41 5.85 -2.01
C TRP A 15 0.17 6.29 -3.40
N GLY A 1 -0.94 3.69 1.35
CA GLY A 1 -2.13 2.98 1.71
C GLY A 1 -3.19 2.98 0.59
N SER A 2 -3.86 1.77 0.48
CA SER A 2 -5.16 1.66 -0.19
C SER A 2 -5.14 1.85 -1.72
N LYS A 3 -4.10 1.21 -2.36
CA LYS A 3 -4.09 0.86 -3.80
C LYS A 3 -3.27 -0.44 -3.92
N TYR A 4 -3.47 -1.16 -5.08
CA TYR A 4 -3.61 -2.63 -4.98
C TYR A 4 -2.40 -3.46 -4.52
N SER A 5 -1.16 -2.90 -4.68
CA SER A 5 0.02 -3.60 -4.13
C SER A 5 1.21 -2.63 -4.03
N ASP A 6 2.02 -2.81 -2.93
CA ASP A 6 3.39 -2.33 -2.85
C ASP A 6 3.92 -2.32 -1.42
N THR A 7 4.65 -1.18 -1.23
CA THR A 7 5.59 -1.06 -0.12
C THR A 7 5.63 0.37 0.44
N ALA A 8 4.47 0.84 1.02
CA ALA A 8 4.48 2.12 1.74
C ALA A 8 3.42 2.23 2.86
N ASP A 9 2.19 1.69 2.61
CA ASP A 9 1.08 1.83 3.57
C ASP A 9 0.25 0.52 3.62
N GLU A 10 -0.43 0.32 4.81
CA GLU A 10 -1.09 -0.94 5.17
C GLU A 10 -0.12 -2.16 5.18
N SER A 11 1.22 -1.83 5.22
CA SER A 11 2.31 -2.81 5.17
C SER A 11 2.35 -3.65 3.87
N SER A 12 1.59 -3.15 2.83
CA SER A 12 1.16 -4.03 1.72
C SER A 12 0.85 -3.26 0.41
N TYR A 13 0.47 -1.95 0.59
CA TYR A 13 -0.13 -1.09 -0.43
C TYR A 13 0.74 0.19 -0.48
N ARG A 14 0.30 1.21 -1.30
CA ARG A 14 0.99 2.50 -1.33
C ARG A 14 0.12 3.70 -1.71
N TRP A 15 0.67 4.92 -1.38
CA TRP A 15 0.44 6.12 -2.15
C TRP A 15 1.54 6.19 -3.15
N GLY A 1 -2.77 1.67 3.01
CA GLY A 1 -3.76 0.61 2.91
C GLY A 1 -4.44 0.63 1.53
N SER A 2 -5.59 -0.11 1.42
CA SER A 2 -6.03 -0.68 0.13
C SER A 2 -6.19 0.27 -1.08
N LYS A 3 -5.16 0.19 -2.01
CA LYS A 3 -5.29 0.63 -3.41
C LYS A 3 -4.66 -0.50 -4.26
N TYR A 4 -3.51 -0.22 -4.98
CA TYR A 4 -2.73 -1.29 -5.62
C TYR A 4 -1.54 -1.62 -4.70
N SER A 5 -1.02 -2.89 -4.83
CA SER A 5 -0.07 -3.43 -3.84
C SER A 5 1.34 -2.81 -3.95
N ASP A 6 2.03 -2.74 -2.76
CA ASP A 6 3.41 -2.32 -2.66
C ASP A 6 3.76 -1.96 -1.23
N THR A 7 4.29 -0.71 -1.18
CA THR A 7 4.73 -0.12 0.10
C THR A 7 4.42 1.39 0.20
N ALA A 8 4.41 1.86 1.49
CA ALA A 8 4.12 3.24 1.92
C ALA A 8 2.64 3.51 2.30
N ASP A 9 1.90 2.39 2.61
CA ASP A 9 0.76 2.45 3.54
C ASP A 9 0.84 1.18 4.39
N GLU A 10 0.02 1.16 5.48
CA GLU A 10 0.18 0.18 6.57
C GLU A 10 0.11 -1.28 6.05
N SER A 11 -0.99 -1.59 5.28
CA SER A 11 -1.26 -2.96 4.88
C SER A 11 -0.59 -3.32 3.53
N SER A 12 0.50 -2.59 3.15
CA SER A 12 1.37 -2.95 2.03
C SER A 12 0.73 -2.69 0.64
N TYR A 13 0.13 -1.45 0.53
CA TYR A 13 -0.39 -0.92 -0.71
C TYR A 13 0.32 0.42 -1.05
N ARG A 14 -0.18 1.10 -2.15
CA ARG A 14 0.64 2.12 -2.81
C ARG A 14 0.73 3.47 -2.05
N TRP A 15 -0.45 3.99 -1.61
CA TRP A 15 -0.48 5.33 -1.03
C TRP A 15 -1.61 5.37 -0.08
#